data_1MVJ
#
_entry.id   1MVJ
#
_cell.length_a   1.000
_cell.length_b   1.000
_cell.length_c   1.000
_cell.angle_alpha   90.00
_cell.angle_beta   90.00
_cell.angle_gamma   90.00
#
_symmetry.space_group_name_H-M   'P 1'
#
_entity_poly.entity_id   1
_entity_poly.type   'polypeptide(L)'
_entity_poly.pdbx_seq_one_letter_code
;CKLKGQSCRKTSYDCCSGSCGRSGKC(NH2)
;
_entity_poly.pdbx_strand_id   A
#
loop_
_chem_comp.id
_chem_comp.type
_chem_comp.name
_chem_comp.formula
NH2 non-polymer 'AMINO GROUP' 'H2 N'
#
# COMPACT_ATOMS: atom_id res chain seq x y z
N CYS A 1 2.86 -4.07 -9.45
CA CYS A 1 2.26 -3.65 -8.15
C CYS A 1 3.34 -3.56 -7.06
N LYS A 2 2.95 -3.13 -5.88
CA LYS A 2 3.92 -3.00 -4.75
C LYS A 2 3.90 -4.25 -3.87
N LEU A 3 4.59 -4.18 -2.77
CA LEU A 3 4.69 -5.31 -1.80
C LEU A 3 4.32 -4.74 -0.41
N LYS A 4 4.18 -5.62 0.57
CA LYS A 4 3.83 -5.17 1.94
C LYS A 4 4.91 -4.23 2.49
N GLY A 5 4.45 -3.10 2.95
CA GLY A 5 5.33 -2.04 3.53
C GLY A 5 5.87 -1.04 2.48
N GLN A 6 5.37 -1.06 1.28
CA GLN A 6 5.85 -0.10 0.23
C GLN A 6 5.00 1.16 0.31
N SER A 7 5.68 2.28 0.30
CA SER A 7 5.00 3.61 0.36
C SER A 7 3.87 3.79 -0.66
N CYS A 8 2.68 3.98 -0.15
CA CYS A 8 1.48 4.19 -1.02
C CYS A 8 0.34 4.85 -0.27
N ARG A 9 -0.54 5.43 -1.05
CA ARG A 9 -1.74 6.14 -0.50
C ARG A 9 -2.78 5.18 0.07
N LYS A 10 -3.22 5.51 1.26
CA LYS A 10 -4.24 4.70 2.00
C LYS A 10 -5.47 4.29 1.16
N THR A 11 -5.83 5.14 0.23
CA THR A 11 -7.00 4.87 -0.67
C THR A 11 -6.53 4.56 -2.10
N SER A 12 -5.44 3.83 -2.19
CA SER A 12 -4.86 3.45 -3.51
C SER A 12 -4.70 1.94 -3.60
N TYR A 13 -4.21 1.35 -2.52
CA TYR A 13 -3.99 -0.14 -2.45
C TYR A 13 -3.20 -0.62 -3.69
N ASP A 14 -2.28 0.23 -4.08
CA ASP A 14 -1.40 -0.03 -5.25
C ASP A 14 -0.57 -1.32 -5.08
N CYS A 15 -0.56 -1.81 -3.87
CA CYS A 15 0.20 -3.05 -3.55
C CYS A 15 -0.49 -4.24 -4.20
N CYS A 16 0.35 -5.21 -4.50
CA CYS A 16 -0.09 -6.48 -5.15
C CYS A 16 -1.27 -7.08 -4.39
N SER A 17 -0.96 -7.31 -3.15
CA SER A 17 -1.95 -7.89 -2.19
C SER A 17 -3.03 -6.86 -1.78
N GLY A 18 -2.74 -5.60 -1.99
CA GLY A 18 -3.71 -4.52 -1.61
C GLY A 18 -3.59 -4.36 -0.10
N SER A 19 -3.18 -3.20 0.36
CA SER A 19 -3.04 -2.99 1.83
C SER A 19 -3.00 -1.54 2.28
N CYS A 20 -2.30 -0.77 1.48
CA CYS A 20 -2.11 0.71 1.70
C CYS A 20 -3.07 1.38 2.69
N GLY A 21 -2.47 1.96 3.68
CA GLY A 21 -3.19 2.67 4.78
C GLY A 21 -2.42 2.44 6.10
N ARG A 22 -1.16 2.12 5.93
CA ARG A 22 -0.22 1.85 7.06
C ARG A 22 0.54 3.15 7.36
N SER A 23 -0.18 4.23 7.18
CA SER A 23 0.29 5.64 7.40
C SER A 23 1.17 6.10 6.20
N GLY A 24 0.74 5.68 5.04
CA GLY A 24 1.44 6.01 3.77
C GLY A 24 2.35 4.86 3.35
N LYS A 25 1.93 3.67 3.70
CA LYS A 25 2.68 2.42 3.38
C LYS A 25 1.68 1.28 3.15
N CYS A 26 2.12 0.28 2.42
CA CYS A 26 1.23 -0.89 2.13
C CYS A 26 0.84 -1.63 3.43
N NH2 A 27 -0.37 -1.43 3.89
HN1 NH2 A 27 -0.99 -0.83 3.43
HN2 NH2 A 27 -0.66 -1.88 4.71
N CYS A 1 3.01 -3.28 -8.93
CA CYS A 1 2.32 -2.87 -7.66
C CYS A 1 3.37 -2.73 -6.54
N LYS A 2 2.92 -2.38 -5.36
CA LYS A 2 3.84 -2.21 -4.20
C LYS A 2 3.87 -3.46 -3.30
N LEU A 3 5.04 -3.83 -2.88
CA LEU A 3 5.23 -5.02 -2.02
C LEU A 3 4.70 -4.75 -0.58
N LYS A 4 4.88 -5.70 0.30
CA LYS A 4 4.42 -5.54 1.70
C LYS A 4 5.24 -4.45 2.39
N GLY A 5 4.51 -3.57 3.01
CA GLY A 5 5.08 -2.40 3.75
C GLY A 5 5.84 -1.49 2.79
N GLN A 6 5.46 -1.54 1.54
CA GLN A 6 6.10 -0.72 0.47
C GLN A 6 5.34 0.60 0.34
N SER A 7 6.01 1.56 -0.25
CA SER A 7 5.40 2.91 -0.46
C SER A 7 4.16 2.81 -1.35
N CYS A 8 3.04 3.12 -0.73
CA CYS A 8 1.71 3.11 -1.41
C CYS A 8 0.89 4.28 -0.87
N ARG A 9 -0.39 4.24 -1.15
CA ARG A 9 -1.33 5.31 -0.68
C ARG A 9 -2.64 4.66 -0.25
N LYS A 10 -3.14 5.08 0.88
CA LYS A 10 -4.42 4.52 1.42
C LYS A 10 -5.51 4.98 0.45
N THR A 11 -6.56 4.21 0.36
CA THR A 11 -7.70 4.56 -0.56
C THR A 11 -7.31 4.30 -2.03
N SER A 12 -6.02 4.17 -2.29
CA SER A 12 -5.50 3.92 -3.65
C SER A 12 -5.17 2.42 -3.81
N TYR A 13 -4.80 1.82 -2.70
CA TYR A 13 -4.44 0.36 -2.68
C TYR A 13 -3.41 0.04 -3.76
N ASP A 14 -2.43 0.91 -3.83
CA ASP A 14 -1.33 0.78 -4.83
C ASP A 14 -0.58 -0.57 -4.68
N CYS A 15 -0.67 -1.12 -3.49
CA CYS A 15 0.01 -2.43 -3.22
C CYS A 15 -0.65 -3.60 -3.94
N CYS A 16 0.19 -4.57 -4.15
CA CYS A 16 -0.18 -5.84 -4.83
C CYS A 16 -1.35 -6.47 -4.09
N SER A 17 -1.06 -6.75 -2.85
CA SER A 17 -2.05 -7.37 -1.93
C SER A 17 -3.06 -6.31 -1.43
N GLY A 18 -2.84 -5.07 -1.81
CA GLY A 18 -3.78 -3.98 -1.37
C GLY A 18 -3.70 -3.79 0.15
N SER A 19 -2.52 -4.08 0.66
CA SER A 19 -2.23 -3.97 2.12
C SER A 19 -2.20 -2.52 2.62
N CYS A 20 -2.10 -1.60 1.68
CA CYS A 20 -2.06 -0.14 2.01
C CYS A 20 -3.09 0.34 3.03
N GLY A 21 -2.60 1.20 3.89
CA GLY A 21 -3.45 1.80 4.97
C GLY A 21 -2.59 2.12 6.20
N ARG A 22 -1.30 2.02 6.04
CA ARG A 22 -0.34 2.29 7.14
C ARG A 22 0.15 3.75 7.06
N SER A 23 -0.72 4.57 6.52
CA SER A 23 -0.50 6.05 6.32
C SER A 23 0.51 6.35 5.19
N GLY A 24 0.58 5.44 4.27
CA GLY A 24 1.51 5.58 3.10
C GLY A 24 2.35 4.32 2.90
N LYS A 25 2.03 3.29 3.67
CA LYS A 25 2.77 2.00 3.57
C LYS A 25 1.76 0.84 3.46
N CYS A 26 2.23 -0.24 2.90
CA CYS A 26 1.37 -1.44 2.71
C CYS A 26 1.30 -2.29 3.99
N NH2 A 27 0.50 -1.89 4.94
HN1 NH2 A 27 -0.04 -1.07 4.81
HN2 NH2 A 27 0.42 -2.40 5.76
N CYS A 1 2.46 -4.28 -9.20
CA CYS A 1 1.89 -3.79 -7.91
C CYS A 1 3.03 -3.43 -6.94
N LYS A 2 2.66 -3.00 -5.75
CA LYS A 2 3.69 -2.61 -4.73
C LYS A 2 3.84 -3.71 -3.68
N LEU A 3 5.03 -3.85 -3.17
CA LEU A 3 5.31 -4.89 -2.13
C LEU A 3 4.61 -4.54 -0.81
N LYS A 4 4.45 -5.51 0.05
CA LYS A 4 3.79 -5.25 1.37
C LYS A 4 4.69 -4.33 2.20
N GLY A 5 4.09 -3.30 2.72
CA GLY A 5 4.82 -2.30 3.55
C GLY A 5 5.59 -1.31 2.67
N GLN A 6 5.23 -1.26 1.40
CA GLN A 6 5.89 -0.35 0.43
C GLN A 6 5.16 1.00 0.46
N SER A 7 5.94 2.05 0.44
CA SER A 7 5.38 3.43 0.48
C SER A 7 4.26 3.73 -0.54
N CYS A 8 3.10 3.97 0.00
CA CYS A 8 1.89 4.29 -0.83
C CYS A 8 0.82 5.00 -0.01
N ARG A 9 0.00 5.70 -0.73
CA ARG A 9 -1.12 6.47 -0.11
C ARG A 9 -2.16 5.49 0.42
N LYS A 10 -2.69 5.79 1.58
CA LYS A 10 -3.73 4.92 2.23
C LYS A 10 -4.81 4.41 1.27
N THR A 11 -5.12 3.15 1.43
CA THR A 11 -6.14 2.43 0.61
C THR A 11 -6.12 2.76 -0.90
N SER A 12 -4.96 3.07 -1.40
CA SER A 12 -4.80 3.41 -2.85
C SER A 12 -4.82 2.16 -3.74
N TYR A 13 -4.96 1.00 -3.11
CA TYR A 13 -5.00 -0.31 -3.84
C TYR A 13 -3.76 -0.50 -4.73
N ASP A 14 -2.73 0.25 -4.42
CA ASP A 14 -1.45 0.19 -5.19
C ASP A 14 -0.64 -1.06 -4.85
N CYS A 15 -1.03 -1.76 -3.82
CA CYS A 15 -0.30 -2.99 -3.41
C CYS A 15 -0.81 -4.34 -3.92
N CYS A 16 0.17 -5.19 -4.00
CA CYS A 16 0.04 -6.60 -4.45
C CYS A 16 -0.95 -7.36 -3.55
N SER A 17 -0.60 -7.31 -2.29
CA SER A 17 -1.40 -7.98 -1.22
C SER A 17 -2.76 -7.30 -0.97
N GLY A 18 -3.05 -6.25 -1.71
CA GLY A 18 -4.36 -5.53 -1.52
C GLY A 18 -4.20 -4.02 -1.64
N SER A 19 -4.20 -3.36 -0.50
CA SER A 19 -4.05 -1.87 -0.48
C SER A 19 -3.15 -1.37 0.65
N CYS A 20 -3.19 -0.06 0.79
CA CYS A 20 -2.40 0.67 1.82
C CYS A 20 -3.28 1.07 3.00
N GLY A 21 -2.69 1.79 3.92
CA GLY A 21 -3.43 2.26 5.13
C GLY A 21 -2.48 2.40 6.32
N ARG A 22 -1.20 2.26 6.07
CA ARG A 22 -0.18 2.38 7.15
C ARG A 22 0.31 3.85 7.23
N SER A 23 -0.57 4.72 6.80
CA SER A 23 -0.36 6.21 6.79
C SER A 23 0.80 6.62 5.86
N GLY A 24 0.90 5.88 4.79
CA GLY A 24 1.97 6.12 3.77
C GLY A 24 2.69 4.82 3.44
N LYS A 25 2.06 3.70 3.71
CA LYS A 25 2.68 2.36 3.42
C LYS A 25 1.62 1.28 3.10
N CYS A 26 2.04 0.25 2.42
CA CYS A 26 1.11 -0.87 2.05
C CYS A 26 0.73 -1.75 3.25
N NH2 A 27 -0.53 -2.01 3.45
HN1 NH2 A 27 -1.20 -1.63 2.85
HN2 NH2 A 27 -0.82 -2.56 4.20
N CYS A 1 2.67 -4.05 -8.94
CA CYS A 1 2.02 -3.57 -7.69
C CYS A 1 3.10 -3.19 -6.66
N LYS A 2 2.67 -2.69 -5.52
CA LYS A 2 3.62 -2.27 -4.44
C LYS A 2 3.83 -3.41 -3.42
N LEU A 3 5.07 -3.64 -3.09
CA LEU A 3 5.41 -4.72 -2.11
C LEU A 3 4.79 -4.43 -0.73
N LYS A 4 4.56 -5.47 0.05
CA LYS A 4 3.95 -5.29 1.40
C LYS A 4 4.92 -4.44 2.25
N GLY A 5 4.45 -3.29 2.64
CA GLY A 5 5.26 -2.36 3.47
C GLY A 5 6.05 -1.39 2.58
N GLN A 6 5.52 -1.16 1.40
CA GLN A 6 6.17 -0.23 0.42
C GLN A 6 5.42 1.11 0.41
N SER A 7 6.08 2.10 -0.12
CA SER A 7 5.51 3.47 -0.22
C SER A 7 4.22 3.49 -1.04
N CYS A 8 3.16 3.94 -0.41
CA CYS A 8 1.82 4.03 -1.08
C CYS A 8 0.92 5.03 -0.33
N ARG A 9 -0.35 5.02 -0.67
CA ARG A 9 -1.35 5.92 -0.03
C ARG A 9 -2.63 5.12 0.26
N LYS A 10 -3.24 5.41 1.38
CA LYS A 10 -4.50 4.71 1.78
C LYS A 10 -5.52 4.68 0.63
N THR A 11 -6.36 3.67 0.67
CA THR A 11 -7.44 3.45 -0.35
C THR A 11 -6.94 3.53 -1.81
N SER A 12 -5.64 3.44 -2.01
CA SER A 12 -5.08 3.51 -3.40
C SER A 12 -5.11 2.12 -4.07
N TYR A 13 -5.17 1.09 -3.26
CA TYR A 13 -5.19 -0.34 -3.76
C TYR A 13 -4.03 -0.66 -4.70
N ASP A 14 -3.03 0.18 -4.64
CA ASP A 14 -1.81 0.02 -5.49
C ASP A 14 -0.92 -1.14 -5.03
N CYS A 15 -1.14 -1.61 -3.83
CA CYS A 15 -0.31 -2.74 -3.31
C CYS A 15 -0.75 -4.12 -3.76
N CYS A 16 0.27 -4.94 -3.82
CA CYS A 16 0.18 -6.37 -4.23
C CYS A 16 -0.78 -7.13 -3.31
N SER A 17 -0.44 -7.03 -2.06
CA SER A 17 -1.20 -7.68 -0.96
C SER A 17 -2.59 -7.06 -0.72
N GLY A 18 -2.89 -6.03 -1.48
CA GLY A 18 -4.23 -5.35 -1.33
C GLY A 18 -4.10 -3.83 -1.45
N SER A 19 -4.09 -3.17 -0.32
CA SER A 19 -3.98 -1.68 -0.30
C SER A 19 -3.09 -1.17 0.84
N CYS A 20 -3.03 0.13 0.89
CA CYS A 20 -2.24 0.88 1.90
C CYS A 20 -3.14 1.26 3.08
N GLY A 21 -2.57 1.92 4.05
CA GLY A 21 -3.39 2.32 5.24
C GLY A 21 -2.57 2.41 6.53
N ARG A 22 -1.33 2.03 6.46
CA ARG A 22 -0.45 2.08 7.67
C ARG A 22 0.33 3.40 7.63
N SER A 23 -0.34 4.40 7.09
CA SER A 23 0.19 5.78 6.93
C SER A 23 1.45 5.79 6.07
N GLY A 24 1.20 5.79 4.78
CA GLY A 24 2.30 5.80 3.77
C GLY A 24 2.86 4.40 3.50
N LYS A 25 2.34 3.40 4.19
CA LYS A 25 2.83 2.00 3.99
C LYS A 25 1.69 1.05 3.59
N CYS A 26 2.11 0.10 2.76
CA CYS A 26 1.20 -0.94 2.22
C CYS A 26 0.85 -2.01 3.27
N NH2 A 27 -0.41 -2.16 3.58
HN1 NH2 A 27 -1.09 -1.59 3.17
HN2 NH2 A 27 -0.68 -2.83 4.24
N CYS A 1 2.50 -4.34 -9.07
CA CYS A 1 1.92 -3.80 -7.80
C CYS A 1 3.04 -3.49 -6.79
N LYS A 2 2.68 -2.98 -5.64
CA LYS A 2 3.69 -2.63 -4.60
C LYS A 2 3.91 -3.80 -3.63
N LEU A 3 5.04 -3.77 -2.97
CA LEU A 3 5.41 -4.83 -2.00
C LEU A 3 4.82 -4.45 -0.63
N LYS A 4 4.45 -5.43 0.16
CA LYS A 4 3.87 -5.14 1.52
C LYS A 4 4.95 -4.39 2.32
N GLY A 5 4.60 -3.21 2.75
CA GLY A 5 5.57 -2.37 3.54
C GLY A 5 6.25 -1.35 2.60
N GLN A 6 5.64 -1.13 1.47
CA GLN A 6 6.19 -0.17 0.46
C GLN A 6 5.39 1.14 0.44
N SER A 7 6.04 2.16 -0.08
CA SER A 7 5.43 3.51 -0.18
C SER A 7 4.14 3.54 -1.02
N CYS A 8 3.09 3.96 -0.38
CA CYS A 8 1.74 4.05 -1.02
C CYS A 8 0.88 5.02 -0.19
N ARG A 9 -0.41 5.01 -0.45
CA ARG A 9 -1.36 5.90 0.27
C ARG A 9 -2.67 5.12 0.54
N LYS A 10 -3.29 5.44 1.64
CA LYS A 10 -4.58 4.76 2.03
C LYS A 10 -5.55 4.60 0.85
N THR A 11 -6.17 3.45 0.82
CA THR A 11 -7.16 3.07 -0.24
C THR A 11 -6.67 3.33 -1.68
N SER A 12 -5.38 3.24 -1.88
CA SER A 12 -4.79 3.46 -3.24
C SER A 12 -4.88 2.16 -4.06
N TYR A 13 -5.02 1.06 -3.37
CA TYR A 13 -5.11 -0.30 -4.00
C TYR A 13 -3.96 -0.57 -4.98
N ASP A 14 -2.88 0.12 -4.74
CA ASP A 14 -1.66 -0.02 -5.60
C ASP A 14 -0.83 -1.24 -5.19
N CYS A 15 -0.96 -1.62 -3.94
CA CYS A 15 -0.19 -2.80 -3.43
C CYS A 15 -0.73 -4.15 -3.89
N CYS A 16 0.21 -5.06 -3.94
CA CYS A 16 -0.04 -6.47 -4.35
C CYS A 16 -1.07 -7.14 -3.45
N SER A 17 -0.72 -7.09 -2.19
CA SER A 17 -1.55 -7.69 -1.10
C SER A 17 -2.86 -6.90 -0.87
N GLY A 18 -3.06 -5.85 -1.63
CA GLY A 18 -4.30 -5.02 -1.48
C GLY A 18 -3.99 -3.52 -1.60
N SER A 19 -4.00 -2.87 -0.47
CA SER A 19 -3.70 -1.40 -0.44
C SER A 19 -2.88 -1.00 0.79
N CYS A 20 -2.78 0.29 0.95
CA CYS A 20 -2.02 0.92 2.06
C CYS A 20 -2.90 0.98 3.31
N GLY A 21 -2.47 1.76 4.27
CA GLY A 21 -3.25 1.88 5.54
C GLY A 21 -2.41 2.21 6.76
N ARG A 22 -1.11 2.10 6.66
CA ARG A 22 -0.26 2.43 7.84
C ARG A 22 0.21 3.89 7.70
N SER A 23 -0.61 4.66 7.03
CA SER A 23 -0.39 6.12 6.76
C SER A 23 0.91 6.34 5.96
N GLY A 24 0.97 5.63 4.86
CA GLY A 24 2.15 5.71 3.95
C GLY A 24 2.70 4.34 3.58
N LYS A 25 2.23 3.28 4.21
CA LYS A 25 2.74 1.91 3.88
C LYS A 25 1.61 0.94 3.52
N CYS A 26 2.02 0.03 2.66
CA CYS A 26 1.17 -1.06 2.12
C CYS A 26 0.81 -2.11 3.17
N NH2 A 27 -0.42 -2.14 3.59
HN1 NH2 A 27 -1.07 -1.51 3.23
HN2 NH2 A 27 -0.71 -2.80 4.26
N CYS A 1 2.81 -3.84 -9.31
CA CYS A 1 2.25 -3.43 -8.00
C CYS A 1 3.35 -3.41 -6.93
N LYS A 2 3.02 -2.96 -5.75
CA LYS A 2 4.00 -2.89 -4.62
C LYS A 2 3.91 -4.13 -3.73
N LEU A 3 4.76 -4.16 -2.73
CA LEU A 3 4.82 -5.28 -1.76
C LEU A 3 4.47 -4.71 -0.37
N LYS A 4 4.18 -5.59 0.55
CA LYS A 4 3.81 -5.16 1.93
C LYS A 4 4.95 -4.32 2.56
N GLY A 5 4.62 -3.11 2.92
CA GLY A 5 5.61 -2.18 3.53
C GLY A 5 6.19 -1.16 2.55
N GLN A 6 5.60 -1.08 1.37
CA GLN A 6 6.11 -0.13 0.33
C GLN A 6 5.24 1.14 0.24
N SER A 7 5.80 2.10 -0.45
CA SER A 7 5.13 3.42 -0.66
C SER A 7 3.79 3.28 -1.39
N CYS A 8 2.77 3.77 -0.74
CA CYS A 8 1.38 3.72 -1.31
C CYS A 8 0.50 4.80 -0.65
N ARG A 9 -0.78 4.71 -0.91
CA ARG A 9 -1.77 5.66 -0.36
C ARG A 9 -3.11 4.94 -0.16
N LYS A 10 -3.72 5.17 0.97
CA LYS A 10 -5.04 4.53 1.29
C LYS A 10 -6.05 4.83 0.17
N THR A 11 -7.04 3.99 0.05
CA THR A 11 -8.12 4.12 -1.00
C THR A 11 -7.53 4.07 -2.43
N SER A 12 -6.24 3.83 -2.50
CA SER A 12 -5.50 3.75 -3.78
C SER A 12 -4.31 2.83 -3.45
N TYR A 13 -4.67 1.72 -2.89
CA TYR A 13 -3.72 0.65 -2.46
C TYR A 13 -2.39 0.61 -3.18
N ASP A 14 -2.42 0.49 -4.47
CA ASP A 14 -1.17 0.46 -5.31
C ASP A 14 -0.28 -0.75 -4.93
N CYS A 15 -0.75 -1.55 -4.00
CA CYS A 15 0.03 -2.75 -3.54
C CYS A 15 -0.63 -3.98 -4.15
N CYS A 16 0.21 -4.94 -4.40
CA CYS A 16 -0.20 -6.25 -5.00
C CYS A 16 -1.33 -6.87 -4.20
N SER A 17 -1.00 -7.08 -2.96
CA SER A 17 -1.94 -7.69 -1.97
C SER A 17 -3.07 -6.73 -1.52
N GLY A 18 -2.93 -5.45 -1.84
CA GLY A 18 -3.98 -4.45 -1.42
C GLY A 18 -3.99 -4.42 0.11
N SER A 19 -2.95 -3.83 0.65
CA SER A 19 -2.77 -3.70 2.13
C SER A 19 -2.84 -2.26 2.66
N CYS A 20 -2.25 -1.40 1.87
CA CYS A 20 -2.17 0.07 2.17
C CYS A 20 -3.18 0.67 3.16
N GLY A 21 -2.62 1.49 4.02
CA GLY A 21 -3.39 2.19 5.09
C GLY A 21 -2.55 2.24 6.36
N ARG A 22 -1.28 1.93 6.19
CA ARG A 22 -0.30 1.93 7.32
C ARG A 22 0.43 3.28 7.35
N SER A 23 -0.31 4.29 6.95
CA SER A 23 0.14 5.71 6.87
C SER A 23 1.32 5.85 5.90
N GLY A 24 0.96 5.77 4.65
CA GLY A 24 1.95 5.87 3.53
C GLY A 24 2.57 4.52 3.18
N LYS A 25 2.31 3.52 4.00
CA LYS A 25 2.87 2.15 3.74
C LYS A 25 1.77 1.14 3.40
N CYS A 26 2.20 0.14 2.64
CA CYS A 26 1.29 -0.95 2.21
C CYS A 26 1.01 -1.88 3.40
N NH2 A 27 -0.16 -1.82 3.99
HN1 NH2 A 27 -0.83 -1.19 3.68
HN2 NH2 A 27 -0.34 -2.40 4.75
N CYS A 1 2.59 -4.06 -9.03
CA CYS A 1 2.01 -3.50 -7.78
C CYS A 1 3.09 -3.44 -6.68
N LYS A 2 2.78 -2.77 -5.59
CA LYS A 2 3.74 -2.61 -4.47
C LYS A 2 3.78 -3.86 -3.57
N LEU A 3 4.71 -3.86 -2.65
CA LEU A 3 4.90 -4.98 -1.70
C LEU A 3 4.57 -4.47 -0.29
N LYS A 4 4.23 -5.37 0.60
CA LYS A 4 3.90 -4.97 2.02
C LYS A 4 5.10 -4.20 2.60
N GLY A 5 4.84 -3.02 3.12
CA GLY A 5 5.94 -2.19 3.71
C GLY A 5 6.51 -1.20 2.69
N GLN A 6 5.85 -1.11 1.57
CA GLN A 6 6.29 -0.18 0.47
C GLN A 6 5.45 1.10 0.47
N SER A 7 6.05 2.16 -0.01
CA SER A 7 5.40 3.49 -0.08
C SER A 7 4.15 3.49 -0.98
N CYS A 8 3.05 3.89 -0.38
CA CYS A 8 1.74 3.96 -1.11
C CYS A 8 0.76 4.90 -0.36
N ARG A 9 -0.46 4.92 -0.83
CA ARG A 9 -1.53 5.77 -0.21
C ARG A 9 -2.77 4.91 0.04
N LYS A 10 -3.39 5.13 1.17
CA LYS A 10 -4.62 4.37 1.56
C LYS A 10 -5.70 4.40 0.47
N THR A 11 -6.42 3.30 0.40
CA THR A 11 -7.53 3.11 -0.59
C THR A 11 -7.11 3.25 -2.06
N SER A 12 -5.82 3.35 -2.30
CA SER A 12 -5.31 3.48 -3.71
C SER A 12 -5.22 2.10 -4.39
N TYR A 13 -5.28 1.06 -3.57
CA TYR A 13 -5.19 -0.35 -4.06
C TYR A 13 -3.99 -0.59 -4.99
N ASP A 14 -2.97 0.20 -4.76
CA ASP A 14 -1.72 0.12 -5.56
C ASP A 14 -0.89 -1.12 -5.18
N CYS A 15 -0.97 -1.50 -3.93
CA CYS A 15 -0.20 -2.68 -3.47
C CYS A 15 -0.81 -4.01 -3.91
N CYS A 16 0.11 -4.89 -4.17
CA CYS A 16 -0.20 -6.28 -4.62
C CYS A 16 -1.15 -6.97 -3.64
N SER A 17 -0.69 -6.93 -2.42
CA SER A 17 -1.42 -7.53 -1.27
C SER A 17 -2.70 -6.77 -0.87
N GLY A 18 -3.02 -5.72 -1.58
CA GLY A 18 -4.25 -4.93 -1.27
C GLY A 18 -4.03 -3.42 -1.42
N SER A 19 -4.13 -2.73 -0.30
CA SER A 19 -3.94 -1.25 -0.30
C SER A 19 -3.08 -0.82 0.89
N CYS A 20 -2.85 0.47 0.94
CA CYS A 20 -2.04 1.10 2.03
C CYS A 20 -2.93 1.36 3.25
N GLY A 21 -2.33 1.92 4.26
CA GLY A 21 -3.08 2.23 5.53
C GLY A 21 -2.19 2.17 6.76
N ARG A 22 -0.91 1.93 6.53
CA ARG A 22 0.08 1.86 7.64
C ARG A 22 0.76 3.23 7.78
N SER A 23 -0.04 4.23 7.52
CA SER A 23 0.33 5.68 7.58
C SER A 23 1.29 6.07 6.44
N GLY A 24 1.13 5.38 5.35
CA GLY A 24 1.97 5.62 4.14
C GLY A 24 2.60 4.32 3.64
N LYS A 25 2.39 3.27 4.37
CA LYS A 25 2.95 1.92 3.99
C LYS A 25 1.84 0.96 3.54
N CYS A 26 2.26 0.04 2.71
CA CYS A 26 1.34 -0.99 2.15
C CYS A 26 0.93 -1.99 3.24
N NH2 A 27 -0.34 -2.20 3.42
HN1 NH2 A 27 -0.99 -1.71 2.87
HN2 NH2 A 27 -0.66 -2.82 4.10
N CYS A 1 3.38 -4.05 -8.72
CA CYS A 1 2.58 -3.57 -7.56
C CYS A 1 3.50 -3.16 -6.41
N LYS A 2 2.92 -2.66 -5.34
CA LYS A 2 3.74 -2.22 -4.16
C LYS A 2 3.79 -3.34 -3.12
N LEU A 3 4.98 -3.83 -2.87
CA LEU A 3 5.21 -4.92 -1.88
C LEU A 3 4.72 -4.46 -0.50
N LYS A 4 4.27 -5.38 0.32
CA LYS A 4 3.78 -5.02 1.69
C LYS A 4 4.94 -4.32 2.42
N GLY A 5 4.68 -3.12 2.85
CA GLY A 5 5.73 -2.33 3.58
C GLY A 5 6.37 -1.31 2.62
N GLN A 6 5.77 -1.16 1.47
CA GLN A 6 6.27 -0.21 0.42
C GLN A 6 5.40 1.05 0.36
N SER A 7 5.96 2.06 -0.23
CA SER A 7 5.27 3.37 -0.40
C SER A 7 3.98 3.26 -1.22
N CYS A 8 2.92 3.73 -0.61
CA CYS A 8 1.56 3.71 -1.23
C CYS A 8 0.68 4.73 -0.51
N ARG A 9 -0.60 4.69 -0.83
CA ARG A 9 -1.60 5.62 -0.20
C ARG A 9 -2.86 4.80 0.10
N LYS A 10 -3.50 5.14 1.20
CA LYS A 10 -4.75 4.43 1.61
C LYS A 10 -5.83 4.49 0.52
N THR A 11 -6.59 3.42 0.45
CA THR A 11 -7.71 3.27 -0.55
C THR A 11 -7.22 3.22 -2.01
N SER A 12 -5.96 3.48 -2.23
CA SER A 12 -5.39 3.46 -3.61
C SER A 12 -5.21 2.00 -4.08
N TYR A 13 -5.00 1.13 -3.13
CA TYR A 13 -4.81 -0.34 -3.38
C TYR A 13 -3.72 -0.64 -4.43
N ASP A 14 -2.82 0.30 -4.61
CA ASP A 14 -1.71 0.14 -5.59
C ASP A 14 -0.79 -1.02 -5.18
N CYS A 15 -0.94 -1.44 -3.96
CA CYS A 15 -0.12 -2.56 -3.44
C CYS A 15 -0.55 -3.89 -4.01
N CYS A 16 0.40 -4.80 -3.92
CA CYS A 16 0.21 -6.20 -4.41
C CYS A 16 -0.99 -6.82 -3.74
N SER A 17 -0.89 -6.82 -2.44
CA SER A 17 -1.97 -7.37 -1.56
C SER A 17 -3.22 -6.46 -1.62
N GLY A 18 -3.07 -5.32 -2.25
CA GLY A 18 -4.20 -4.35 -2.38
C GLY A 18 -4.63 -3.81 -1.02
N SER A 19 -3.64 -3.43 -0.24
CA SER A 19 -3.91 -2.88 1.12
C SER A 19 -2.86 -1.83 1.46
N CYS A 20 -3.35 -0.70 1.91
CA CYS A 20 -2.47 0.44 2.30
C CYS A 20 -3.19 1.35 3.30
N GLY A 21 -2.39 2.15 3.97
CA GLY A 21 -2.91 3.11 4.99
C GLY A 21 -2.22 2.87 6.34
N ARG A 22 -1.01 2.35 6.26
CA ARG A 22 -0.20 2.06 7.47
C ARG A 22 0.73 3.26 7.72
N SER A 23 0.21 4.41 7.37
CA SER A 23 0.87 5.76 7.50
C SER A 23 1.80 6.02 6.30
N GLY A 24 1.34 5.55 5.16
CA GLY A 24 2.09 5.70 3.87
C GLY A 24 2.62 4.35 3.39
N LYS A 25 2.55 3.36 4.25
CA LYS A 25 3.02 1.99 3.91
C LYS A 25 1.87 1.08 3.47
N CYS A 26 2.23 0.04 2.76
CA CYS A 26 1.24 -0.96 2.25
C CYS A 26 0.92 -1.98 3.35
N NH2 A 27 -0.32 -2.15 3.70
HN1 NH2 A 27 -1.02 -1.62 3.26
HN2 NH2 A 27 -0.56 -2.80 4.39
N CYS A 1 2.69 -4.23 -9.22
CA CYS A 1 2.10 -3.72 -7.95
C CYS A 1 3.21 -3.53 -6.90
N LYS A 2 2.83 -3.00 -5.75
CA LYS A 2 3.85 -2.78 -4.67
C LYS A 2 3.94 -3.98 -3.72
N LEU A 3 4.95 -3.96 -2.88
CA LEU A 3 5.18 -5.04 -1.89
C LEU A 3 4.71 -4.59 -0.49
N LYS A 4 4.62 -5.53 0.42
CA LYS A 4 4.16 -5.21 1.81
C LYS A 4 5.14 -4.20 2.44
N GLY A 5 4.54 -3.12 2.86
CA GLY A 5 5.26 -1.99 3.51
C GLY A 5 6.10 -1.20 2.49
N GLN A 6 5.55 -1.12 1.31
CA GLN A 6 6.21 -0.37 0.20
C GLN A 6 5.45 0.97 0.11
N SER A 7 6.09 1.95 -0.45
CA SER A 7 5.48 3.30 -0.60
C SER A 7 4.13 3.30 -1.33
N CYS A 8 3.13 3.80 -0.63
CA CYS A 8 1.74 3.87 -1.20
C CYS A 8 0.92 4.97 -0.51
N ARG A 9 -0.36 4.95 -0.78
CA ARG A 9 -1.34 5.93 -0.21
C ARG A 9 -2.59 5.10 0.14
N LYS A 10 -3.27 5.47 1.19
CA LYS A 10 -4.49 4.72 1.59
C LYS A 10 -5.52 4.89 0.48
N THR A 11 -6.38 3.92 0.37
CA THR A 11 -7.45 3.98 -0.68
C THR A 11 -6.87 3.84 -2.11
N SER A 12 -5.57 3.75 -2.22
CA SER A 12 -4.91 3.61 -3.56
C SER A 12 -4.88 2.14 -4.01
N TYR A 13 -4.68 1.27 -3.06
CA TYR A 13 -4.61 -0.21 -3.32
C TYR A 13 -3.53 -0.57 -4.36
N ASP A 14 -2.64 0.36 -4.58
CA ASP A 14 -1.51 0.21 -5.54
C ASP A 14 -0.67 -1.04 -5.23
N CYS A 15 -0.70 -1.43 -3.98
CA CYS A 15 0.06 -2.62 -3.53
C CYS A 15 -0.59 -3.89 -4.08
N CYS A 16 0.24 -4.89 -4.17
CA CYS A 16 -0.18 -6.23 -4.67
C CYS A 16 -1.36 -6.72 -3.85
N SER A 17 -1.06 -6.83 -2.58
CA SER A 17 -2.07 -7.29 -1.58
C SER A 17 -3.09 -6.17 -1.30
N GLY A 18 -2.81 -4.98 -1.79
CA GLY A 18 -3.73 -3.81 -1.58
C GLY A 18 -3.85 -3.55 -0.08
N SER A 19 -2.76 -3.83 0.60
CA SER A 19 -2.64 -3.66 2.08
C SER A 19 -2.61 -2.22 2.58
N CYS A 20 -2.18 -1.32 1.73
CA CYS A 20 -2.09 0.13 2.08
C CYS A 20 -3.15 0.72 3.02
N GLY A 21 -2.63 1.62 3.82
CA GLY A 21 -3.40 2.36 4.85
C GLY A 21 -2.65 2.17 6.17
N ARG A 22 -1.37 1.93 6.05
CA ARG A 22 -0.46 1.72 7.21
C ARG A 22 0.22 3.03 7.60
N SER A 23 -0.49 4.10 7.33
CA SER A 23 -0.10 5.53 7.61
C SER A 23 0.74 6.09 6.44
N GLY A 24 0.63 5.42 5.32
CA GLY A 24 1.37 5.83 4.09
C GLY A 24 2.11 4.64 3.47
N LYS A 25 2.08 3.51 4.13
CA LYS A 25 2.79 2.32 3.57
C LYS A 25 1.75 1.25 3.29
N CYS A 26 2.23 0.21 2.66
CA CYS A 26 1.36 -0.94 2.29
C CYS A 26 1.14 -1.86 3.50
N NH2 A 27 -0.01 -1.79 4.13
HN1 NH2 A 27 -0.69 -1.16 3.83
HN2 NH2 A 27 -0.18 -2.36 4.91
N CYS A 1 2.89 -3.68 -9.10
CA CYS A 1 2.28 -3.18 -7.83
C CYS A 1 3.36 -3.10 -6.74
N LYS A 2 2.96 -2.63 -5.57
CA LYS A 2 3.92 -2.50 -4.42
C LYS A 2 3.95 -3.77 -3.58
N LEU A 3 4.87 -3.82 -2.64
CA LEU A 3 5.02 -4.97 -1.73
C LEU A 3 4.53 -4.57 -0.33
N LYS A 4 4.43 -5.55 0.55
CA LYS A 4 3.97 -5.28 1.94
C LYS A 4 4.94 -4.30 2.63
N GLY A 5 4.34 -3.23 3.09
CA GLY A 5 5.06 -2.13 3.78
C GLY A 5 5.99 -1.38 2.82
N GLN A 6 5.51 -1.25 1.60
CA GLN A 6 6.26 -0.53 0.54
C GLN A 6 5.45 0.76 0.27
N SER A 7 6.05 1.68 -0.44
CA SER A 7 5.41 2.99 -0.76
C SER A 7 4.07 2.85 -1.52
N CYS A 8 3.04 3.40 -0.92
CA CYS A 8 1.66 3.37 -1.52
C CYS A 8 0.83 4.52 -0.93
N ARG A 9 -0.47 4.41 -1.10
CA ARG A 9 -1.43 5.44 -0.58
C ARG A 9 -2.73 4.73 -0.19
N LYS A 10 -3.27 5.11 0.95
CA LYS A 10 -4.54 4.50 1.45
C LYS A 10 -5.65 4.58 0.38
N THR A 11 -6.52 3.60 0.41
CA THR A 11 -7.67 3.50 -0.55
C THR A 11 -7.28 3.67 -2.03
N SER A 12 -5.99 3.56 -2.29
CA SER A 12 -5.44 3.70 -3.67
C SER A 12 -5.07 2.31 -4.21
N TYR A 13 -4.98 1.38 -3.29
CA TYR A 13 -4.64 -0.05 -3.59
C TYR A 13 -3.43 -0.24 -4.52
N ASP A 14 -2.49 0.67 -4.41
CA ASP A 14 -1.25 0.62 -5.25
C ASP A 14 -0.50 -0.70 -5.01
N CYS A 15 -0.55 -1.14 -3.78
CA CYS A 15 0.13 -2.40 -3.39
C CYS A 15 -0.56 -3.61 -4.00
N CYS A 16 0.26 -4.61 -4.18
CA CYS A 16 -0.19 -5.92 -4.77
C CYS A 16 -1.33 -6.45 -3.91
N SER A 17 -0.98 -6.63 -2.67
CA SER A 17 -1.93 -7.15 -1.65
C SER A 17 -3.00 -6.08 -1.31
N GLY A 18 -2.77 -4.86 -1.74
CA GLY A 18 -3.72 -3.74 -1.46
C GLY A 18 -3.84 -3.52 0.06
N SER A 19 -2.75 -3.81 0.72
CA SER A 19 -2.65 -3.67 2.20
C SER A 19 -2.66 -2.21 2.69
N CYS A 20 -2.20 -1.33 1.84
CA CYS A 20 -2.12 0.14 2.14
C CYS A 20 -3.10 0.73 3.15
N GLY A 21 -2.51 1.49 4.02
CA GLY A 21 -3.20 2.19 5.13
C GLY A 21 -2.31 2.12 6.39
N ARG A 22 -1.04 1.89 6.15
CA ARG A 22 -0.02 1.77 7.24
C ARG A 22 0.66 3.14 7.46
N SER A 23 -0.14 4.16 7.23
CA SER A 23 0.24 5.61 7.37
C SER A 23 1.01 6.07 6.12
N GLY A 24 0.64 5.47 5.02
CA GLY A 24 1.26 5.78 3.71
C GLY A 24 2.00 4.55 3.18
N LYS A 25 2.20 3.57 4.03
CA LYS A 25 2.91 2.33 3.56
C LYS A 25 1.83 1.31 3.24
N CYS A 26 2.28 0.19 2.77
CA CYS A 26 1.35 -0.93 2.40
C CYS A 26 0.99 -1.80 3.62
N NH2 A 27 -0.11 -1.53 4.26
HN1 NH2 A 27 -0.69 -0.80 3.96
HN2 NH2 A 27 -0.37 -2.07 5.04
N CYS A 1 3.05 -4.31 -8.89
CA CYS A 1 2.35 -3.81 -7.68
C CYS A 1 3.36 -3.44 -6.58
N LYS A 2 2.88 -2.94 -5.47
CA LYS A 2 3.80 -2.55 -4.35
C LYS A 2 3.94 -3.69 -3.34
N LEU A 3 5.13 -3.85 -2.84
CA LEU A 3 5.42 -4.93 -1.84
C LEU A 3 4.90 -4.48 -0.46
N LYS A 4 4.47 -5.43 0.35
CA LYS A 4 3.95 -5.08 1.71
C LYS A 4 5.07 -4.38 2.51
N GLY A 5 4.88 -3.11 2.68
CA GLY A 5 5.85 -2.25 3.42
C GLY A 5 6.40 -1.17 2.46
N GLN A 6 5.77 -1.05 1.33
CA GLN A 6 6.17 -0.07 0.28
C GLN A 6 5.29 1.19 0.31
N SER A 7 5.87 2.26 -0.19
CA SER A 7 5.17 3.58 -0.26
C SER A 7 3.84 3.50 -1.01
N CYS A 8 2.79 3.89 -0.33
CA CYS A 8 1.41 3.89 -0.91
C CYS A 8 0.51 4.83 -0.08
N ARG A 9 -0.76 4.78 -0.38
CA ARG A 9 -1.78 5.62 0.32
C ARG A 9 -3.13 4.90 0.24
N LYS A 10 -3.92 5.05 1.28
CA LYS A 10 -5.27 4.41 1.33
C LYS A 10 -6.09 4.77 0.09
N THR A 11 -7.00 3.87 -0.23
CA THR A 11 -7.92 4.01 -1.41
C THR A 11 -7.19 3.74 -2.74
N SER A 12 -5.89 3.87 -2.73
CA SER A 12 -5.08 3.64 -3.97
C SER A 12 -4.96 2.14 -4.24
N TYR A 13 -4.77 1.39 -3.18
CA TYR A 13 -4.63 -0.09 -3.25
C TYR A 13 -3.62 -0.53 -4.32
N ASP A 14 -2.66 0.34 -4.56
CA ASP A 14 -1.58 0.07 -5.57
C ASP A 14 -0.75 -1.14 -5.18
N CYS A 15 -0.86 -1.52 -3.92
CA CYS A 15 -0.09 -2.68 -3.42
C CYS A 15 -0.61 -4.00 -4.00
N CYS A 16 0.28 -4.95 -3.95
CA CYS A 16 0.03 -6.34 -4.46
C CYS A 16 -1.20 -6.92 -3.77
N SER A 17 -1.07 -6.92 -2.47
CA SER A 17 -2.16 -7.44 -1.58
C SER A 17 -3.37 -6.48 -1.62
N GLY A 18 -3.17 -5.35 -2.26
CA GLY A 18 -4.25 -4.32 -2.39
C GLY A 18 -4.63 -3.75 -1.02
N SER A 19 -3.64 -3.56 -0.20
CA SER A 19 -3.88 -3.02 1.18
C SER A 19 -2.79 -2.04 1.59
N CYS A 20 -3.27 -0.90 2.01
CA CYS A 20 -2.41 0.22 2.47
C CYS A 20 -3.13 0.94 3.63
N GLY A 21 -2.36 1.65 4.42
CA GLY A 21 -2.94 2.40 5.58
C GLY A 21 -2.01 2.36 6.79
N ARG A 22 -0.76 2.13 6.51
CA ARG A 22 0.29 2.06 7.57
C ARG A 22 0.97 3.44 7.70
N SER A 23 0.16 4.44 7.44
CA SER A 23 0.54 5.90 7.50
C SER A 23 1.48 6.27 6.34
N GLY A 24 1.33 5.55 5.26
CA GLY A 24 2.16 5.77 4.03
C GLY A 24 2.79 4.48 3.54
N LYS A 25 2.46 3.38 4.18
CA LYS A 25 3.02 2.05 3.80
C LYS A 25 1.91 1.04 3.45
N CYS A 26 2.31 0.06 2.66
CA CYS A 26 1.38 -1.02 2.22
C CYS A 26 1.26 -2.10 3.29
N NH2 A 27 0.05 -2.39 3.73
HN1 NH2 A 27 -0.72 -1.90 3.37
HN2 NH2 A 27 -0.08 -3.07 4.40
N CYS A 1 2.40 -4.25 -9.48
CA CYS A 1 1.93 -3.72 -8.16
C CYS A 1 3.13 -3.56 -7.21
N LYS A 2 2.83 -3.25 -5.97
CA LYS A 2 3.91 -3.07 -4.93
C LYS A 2 3.93 -4.26 -3.95
N LEU A 3 4.97 -4.31 -3.16
CA LEU A 3 5.12 -5.41 -2.16
C LEU A 3 4.69 -4.86 -0.78
N LYS A 4 4.51 -5.73 0.16
CA LYS A 4 4.09 -5.30 1.53
C LYS A 4 5.08 -4.26 2.09
N GLY A 5 4.47 -3.29 2.70
CA GLY A 5 5.21 -2.15 3.33
C GLY A 5 5.68 -1.10 2.31
N GLN A 6 5.17 -1.13 1.10
CA GLN A 6 5.63 -0.12 0.09
C GLN A 6 4.86 1.18 0.32
N SER A 7 5.57 2.27 0.21
CA SER A 7 4.92 3.59 0.42
C SER A 7 3.72 3.85 -0.48
N CYS A 8 2.58 3.88 0.15
CA CYS A 8 1.29 4.12 -0.59
C CYS A 8 0.16 4.57 0.32
N ARG A 9 -0.84 5.10 -0.34
CA ARG A 9 -2.06 5.62 0.35
C ARG A 9 -3.23 4.63 0.22
N LYS A 10 -4.12 4.71 1.18
CA LYS A 10 -5.33 3.82 1.22
C LYS A 10 -6.03 3.78 -0.14
N THR A 11 -6.53 4.93 -0.53
CA THR A 11 -7.25 5.06 -1.84
C THR A 11 -6.42 4.57 -3.05
N SER A 12 -5.12 4.56 -2.88
CA SER A 12 -4.22 4.10 -3.98
C SER A 12 -4.29 2.58 -4.20
N TYR A 13 -4.25 1.85 -3.11
CA TYR A 13 -4.31 0.34 -3.17
C TYR A 13 -3.27 -0.21 -4.18
N ASP A 14 -2.18 0.52 -4.27
CA ASP A 14 -1.07 0.15 -5.20
C ASP A 14 -0.41 -1.19 -4.86
N CYS A 15 -0.61 -1.66 -3.65
CA CYS A 15 0.00 -2.95 -3.23
C CYS A 15 -0.68 -4.12 -3.95
N CYS A 16 0.14 -5.11 -4.20
CA CYS A 16 -0.29 -6.35 -4.89
C CYS A 16 -1.48 -6.97 -4.19
N SER A 17 -1.23 -7.22 -2.93
CA SER A 17 -2.28 -7.82 -2.04
C SER A 17 -3.22 -6.75 -1.47
N GLY A 18 -2.91 -5.50 -1.72
CA GLY A 18 -3.76 -4.38 -1.21
C GLY A 18 -3.54 -4.27 0.30
N SER A 19 -2.91 -3.20 0.74
CA SER A 19 -2.67 -3.03 2.21
C SER A 19 -2.47 -1.58 2.67
N CYS A 20 -2.23 -0.71 1.72
CA CYS A 20 -2.03 0.75 2.01
C CYS A 20 -2.95 1.30 3.12
N GLY A 21 -2.33 1.96 4.05
CA GLY A 21 -3.06 2.57 5.21
C GLY A 21 -2.21 2.47 6.48
N ARG A 22 -0.95 2.20 6.30
CA ARG A 22 0.01 2.04 7.44
C ARG A 22 0.72 3.39 7.65
N SER A 23 -0.03 4.43 7.37
CA SER A 23 0.39 5.87 7.50
C SER A 23 1.22 6.31 6.28
N GLY A 24 0.93 5.67 5.17
CA GLY A 24 1.64 5.96 3.88
C GLY A 24 2.49 4.76 3.47
N LYS A 25 2.01 3.58 3.83
CA LYS A 25 2.73 2.30 3.51
C LYS A 25 1.77 1.13 3.39
N CYS A 26 2.15 0.11 2.66
CA CYS A 26 1.25 -1.09 2.51
C CYS A 26 1.23 -1.88 3.82
N NH2 A 27 0.25 -1.63 4.67
HN1 NH2 A 27 -0.43 -0.95 4.44
HN2 NH2 A 27 0.20 -2.11 5.51
N CYS A 1 2.98 -3.59 -8.98
CA CYS A 1 2.34 -3.16 -7.70
C CYS A 1 3.41 -2.95 -6.62
N LYS A 2 2.99 -2.52 -5.45
CA LYS A 2 3.95 -2.26 -4.32
C LYS A 2 4.00 -3.47 -3.37
N LEU A 3 5.20 -3.78 -2.93
CA LEU A 3 5.41 -4.93 -2.00
C LEU A 3 4.76 -4.65 -0.63
N LYS A 4 4.80 -5.63 0.23
CA LYS A 4 4.20 -5.46 1.59
C LYS A 4 5.04 -4.45 2.37
N GLY A 5 4.33 -3.51 2.93
CA GLY A 5 4.94 -2.41 3.72
C GLY A 5 5.72 -1.44 2.83
N GLN A 6 5.37 -1.44 1.57
CA GLN A 6 6.02 -0.55 0.56
C GLN A 6 5.26 0.77 0.40
N SER A 7 5.91 1.71 -0.23
CA SER A 7 5.32 3.05 -0.49
C SER A 7 4.04 2.96 -1.33
N CYS A 8 2.97 3.40 -0.72
CA CYS A 8 1.62 3.41 -1.37
C CYS A 8 0.79 4.53 -0.72
N ARG A 9 -0.50 4.48 -0.98
CA ARG A 9 -1.45 5.50 -0.42
C ARG A 9 -2.75 4.77 -0.02
N LYS A 10 -3.34 5.20 1.06
CA LYS A 10 -4.61 4.57 1.56
C LYS A 10 -5.68 4.53 0.47
N THR A 11 -6.45 3.47 0.48
CA THR A 11 -7.57 3.24 -0.49
C THR A 11 -7.18 3.47 -1.97
N SER A 12 -5.88 3.54 -2.20
CA SER A 12 -5.35 3.75 -3.58
C SER A 12 -5.09 2.38 -4.23
N TYR A 13 -5.05 1.38 -3.38
CA TYR A 13 -4.82 -0.04 -3.79
C TYR A 13 -3.60 -0.22 -4.72
N ASP A 14 -2.62 0.61 -4.47
CA ASP A 14 -1.35 0.59 -5.27
C ASP A 14 -0.57 -0.70 -4.99
N CYS A 15 -0.65 -1.14 -3.76
CA CYS A 15 0.06 -2.38 -3.35
C CYS A 15 -0.56 -3.62 -3.96
N CYS A 16 0.30 -4.60 -4.08
CA CYS A 16 -0.06 -5.92 -4.65
C CYS A 16 -1.25 -6.48 -3.86
N SER A 17 -0.97 -6.64 -2.60
CA SER A 17 -1.97 -7.16 -1.62
C SER A 17 -3.01 -6.08 -1.28
N GLY A 18 -2.75 -4.86 -1.69
CA GLY A 18 -3.70 -3.72 -1.43
C GLY A 18 -3.87 -3.50 0.09
N SER A 19 -2.84 -3.88 0.81
CA SER A 19 -2.82 -3.74 2.31
C SER A 19 -2.69 -2.29 2.80
N CYS A 20 -2.33 -1.41 1.90
CA CYS A 20 -2.15 0.03 2.22
C CYS A 20 -3.16 0.66 3.20
N GLY A 21 -2.60 1.54 3.99
CA GLY A 21 -3.39 2.29 5.03
C GLY A 21 -2.54 2.42 6.31
N ARG A 22 -1.29 2.09 6.19
CA ARG A 22 -0.32 2.16 7.33
C ARG A 22 0.42 3.50 7.25
N SER A 23 -0.33 4.48 6.81
CA SER A 23 0.12 5.90 6.64
C SER A 23 1.26 6.02 5.60
N GLY A 24 0.89 5.68 4.40
CA GLY A 24 1.84 5.73 3.25
C GLY A 24 2.56 4.39 3.04
N LYS A 25 2.24 3.44 3.88
CA LYS A 25 2.87 2.08 3.79
C LYS A 25 1.79 1.03 3.47
N CYS A 26 2.25 -0.06 2.88
CA CYS A 26 1.33 -1.17 2.49
C CYS A 26 1.07 -2.10 3.69
N NH2 A 27 0.20 -1.73 4.59
HN1 NH2 A 27 -0.26 -0.87 4.49
HN2 NH2 A 27 0.02 -2.30 5.35
N CYS A 1 3.21 -4.36 -8.79
CA CYS A 1 2.46 -3.81 -7.62
C CYS A 1 3.45 -3.43 -6.50
N LYS A 2 2.92 -2.87 -5.43
CA LYS A 2 3.79 -2.45 -4.29
C LYS A 2 3.82 -3.51 -3.19
N LEU A 3 4.98 -4.01 -2.90
CA LEU A 3 5.14 -5.06 -1.85
C LEU A 3 4.73 -4.49 -0.48
N LYS A 4 4.29 -5.37 0.40
CA LYS A 4 3.85 -4.96 1.77
C LYS A 4 5.01 -4.25 2.49
N GLY A 5 4.85 -2.98 2.69
CA GLY A 5 5.88 -2.14 3.38
C GLY A 5 6.43 -1.05 2.46
N GLN A 6 5.83 -0.89 1.30
CA GLN A 6 6.30 0.14 0.33
C GLN A 6 5.38 1.36 0.25
N SER A 7 5.91 2.38 -0.37
CA SER A 7 5.20 3.68 -0.56
C SER A 7 3.89 3.53 -1.34
N CYS A 8 2.82 3.93 -0.69
CA CYS A 8 1.46 3.87 -1.30
C CYS A 8 0.54 4.83 -0.52
N ARG A 9 -0.74 4.70 -0.75
CA ARG A 9 -1.76 5.56 -0.07
C ARG A 9 -3.05 4.77 0.12
N LYS A 10 -3.75 5.08 1.19
CA LYS A 10 -5.01 4.40 1.53
C LYS A 10 -5.98 4.70 0.38
N THR A 11 -6.84 3.75 0.11
CA THR A 11 -7.85 3.90 -0.99
C THR A 11 -7.21 3.73 -2.38
N SER A 12 -5.93 3.99 -2.48
CA SER A 12 -5.21 3.85 -3.79
C SER A 12 -5.02 2.36 -4.10
N TYR A 13 -4.77 1.60 -3.07
CA TYR A 13 -4.56 0.12 -3.18
C TYR A 13 -3.57 -0.29 -4.28
N ASP A 14 -2.55 0.50 -4.44
CA ASP A 14 -1.51 0.23 -5.47
C ASP A 14 -0.61 -0.96 -5.07
N CYS A 15 -0.92 -1.53 -3.92
CA CYS A 15 -0.13 -2.69 -3.42
C CYS A 15 -0.61 -4.04 -3.93
N CYS A 16 0.34 -4.94 -3.90
CA CYS A 16 0.15 -6.36 -4.33
C CYS A 16 -1.02 -6.99 -3.58
N SER A 17 -0.85 -6.93 -2.29
CA SER A 17 -1.86 -7.49 -1.33
C SER A 17 -3.14 -6.61 -1.35
N GLY A 18 -3.08 -5.52 -2.06
CA GLY A 18 -4.24 -4.58 -2.17
C GLY A 18 -4.61 -3.99 -0.81
N SER A 19 -3.61 -3.52 -0.12
CA SER A 19 -3.82 -2.91 1.22
C SER A 19 -2.75 -1.86 1.52
N CYS A 20 -3.23 -0.72 1.96
CA CYS A 20 -2.34 0.42 2.29
C CYS A 20 -3.00 1.39 3.28
N GLY A 21 -2.18 2.27 3.81
CA GLY A 21 -2.65 3.29 4.80
C GLY A 21 -2.21 2.95 6.21
N ARG A 22 -1.17 2.16 6.30
CA ARG A 22 -0.63 1.75 7.64
C ARG A 22 0.52 2.68 8.06
N SER A 23 0.46 3.89 7.53
CA SER A 23 1.42 5.03 7.73
C SER A 23 1.97 5.40 6.34
N GLY A 24 1.12 5.22 5.35
CA GLY A 24 1.50 5.51 3.93
C GLY A 24 2.07 4.21 3.33
N LYS A 25 2.48 3.33 4.21
CA LYS A 25 3.05 2.02 3.80
C LYS A 25 1.92 1.05 3.44
N CYS A 26 2.30 0.11 2.60
CA CYS A 26 1.38 -0.95 2.10
C CYS A 26 1.16 -2.00 3.18
N NH2 A 27 -0.06 -2.21 3.62
HN1 NH2 A 27 -0.80 -1.70 3.26
HN2 NH2 A 27 -0.23 -2.89 4.30
N CYS A 1 3.09 -3.54 -8.97
CA CYS A 1 2.41 -3.06 -7.73
C CYS A 1 3.45 -2.88 -6.60
N LYS A 2 2.99 -2.44 -5.46
CA LYS A 2 3.90 -2.21 -4.29
C LYS A 2 3.95 -3.45 -3.38
N LEU A 3 5.12 -3.76 -2.89
CA LEU A 3 5.29 -4.94 -2.00
C LEU A 3 4.68 -4.65 -0.61
N LYS A 4 4.73 -5.62 0.27
CA LYS A 4 4.16 -5.42 1.64
C LYS A 4 5.02 -4.40 2.40
N GLY A 5 4.33 -3.43 2.93
CA GLY A 5 4.97 -2.33 3.70
C GLY A 5 5.74 -1.38 2.79
N GLN A 6 5.38 -1.40 1.53
CA GLN A 6 6.02 -0.55 0.48
C GLN A 6 5.23 0.76 0.32
N SER A 7 5.83 1.68 -0.39
CA SER A 7 5.23 3.00 -0.66
C SER A 7 3.88 2.88 -1.39
N CYS A 8 2.86 3.38 -0.76
CA CYS A 8 1.48 3.36 -1.33
C CYS A 8 0.63 4.45 -0.66
N ARG A 9 -0.66 4.37 -0.86
CA ARG A 9 -1.62 5.36 -0.27
C ARG A 9 -2.96 4.67 -0.01
N LYS A 10 -3.61 5.05 1.06
CA LYS A 10 -4.93 4.46 1.42
C LYS A 10 -5.87 4.87 0.28
N THR A 11 -6.82 4.02 0.01
CA THR A 11 -7.82 4.28 -1.08
C THR A 11 -7.20 4.00 -2.46
N SER A 12 -5.90 4.15 -2.57
CA SER A 12 -5.19 3.90 -3.86
C SER A 12 -4.97 2.39 -4.03
N TYR A 13 -4.66 1.76 -2.92
CA TYR A 13 -4.40 0.28 -2.88
C TYR A 13 -3.40 -0.11 -3.99
N ASP A 14 -2.46 0.77 -4.19
CA ASP A 14 -1.39 0.58 -5.22
C ASP A 14 -0.60 -0.72 -4.97
N CYS A 15 -0.65 -1.17 -3.74
CA CYS A 15 0.07 -2.42 -3.36
C CYS A 15 -0.56 -3.67 -3.97
N CYS A 16 0.31 -4.61 -4.18
CA CYS A 16 -0.04 -5.94 -4.76
C CYS A 16 -1.19 -6.52 -3.94
N SER A 17 -0.86 -6.68 -2.69
CA SER A 17 -1.81 -7.22 -1.67
C SER A 17 -2.91 -6.20 -1.35
N GLY A 18 -2.67 -4.95 -1.68
CA GLY A 18 -3.68 -3.86 -1.42
C GLY A 18 -3.83 -3.65 0.10
N SER A 19 -2.81 -4.03 0.82
CA SER A 19 -2.78 -3.91 2.31
C SER A 19 -2.69 -2.45 2.81
N CYS A 20 -2.34 -1.56 1.91
CA CYS A 20 -2.20 -0.10 2.22
C CYS A 20 -3.17 0.49 3.24
N GLY A 21 -2.59 1.36 4.04
CA GLY A 21 -3.36 2.06 5.12
C GLY A 21 -2.49 2.25 6.36
N ARG A 22 -1.23 1.94 6.22
CA ARG A 22 -0.25 2.06 7.35
C ARG A 22 0.45 3.43 7.22
N SER A 23 -0.30 4.38 6.70
CA SER A 23 0.13 5.79 6.47
C SER A 23 1.33 5.85 5.52
N GLY A 24 1.00 5.73 4.26
CA GLY A 24 2.03 5.76 3.17
C GLY A 24 2.70 4.40 2.99
N LYS A 25 2.36 3.47 3.85
CA LYS A 25 2.95 2.10 3.79
C LYS A 25 1.84 1.07 3.47
N CYS A 26 2.28 -0.02 2.87
CA CYS A 26 1.34 -1.10 2.49
C CYS A 26 1.03 -2.03 3.67
N NH2 A 27 -0.06 -1.80 4.36
HN1 NH2 A 27 -0.65 -1.06 4.11
HN2 NH2 A 27 -0.29 -2.38 5.11
#